data_1AOE
#
_entry.id   1AOE
#
_cell.length_a   77.910
_cell.length_b   67.280
_cell.length_c   38.490
_cell.angle_alpha   90.00
_cell.angle_beta   93.07
_cell.angle_gamma   90.00
#
_symmetry.space_group_name_H-M   'P 1 21 1'
#
loop_
_entity.id
_entity.type
_entity.pdbx_description
1 polymer 'DIHYDROFOLATE REDUCTASE'
2 non-polymer 'NADPH DIHYDRO-NICOTINAMIDE-ADENINE-DINUCLEOTIDE PHOSPHATE'
3 non-polymer 7-(1-ETHYL-PROPYL)-7H-PYRROLO-[3,2-F]QUINAZOLINE-1,3-DIAMINE
4 water water
#
_entity_poly.entity_id   1
_entity_poly.type   'polypeptide(L)'
_entity_poly.pdbx_seq_one_letter_code
;MLKPNVAIIVAALKPALGIGYKGKMPWRLRKEIRYFKDVTTRTTKPNTRNAVIMGRKTWESIPQKFRPLPDRLNIILSRS
YENEIIDDNIIHASSIESSLNLVSDVERVFIIGGAEIYNELINNSLVSHLLITEIEHPSPESIEMDTFLKFPLESWTKQP
KSELQKFVGDTVLEDDIKEGDFTYNYTLWTRK
;
_entity_poly.pdbx_strand_id   A,B
#
# COMPACT_ATOMS: atom_id res chain seq x y z
N MET A 1 8.38 -7.43 13.62
CA MET A 1 7.68 -6.29 12.91
C MET A 1 6.70 -6.98 11.91
N LEU A 2 5.42 -6.56 12.00
CA LEU A 2 4.39 -7.16 11.13
C LEU A 2 4.13 -6.28 9.90
N LYS A 3 4.20 -6.88 8.71
CA LYS A 3 3.89 -6.25 7.46
C LYS A 3 4.30 -4.81 7.27
N PRO A 4 5.63 -4.54 7.41
CA PRO A 4 6.17 -3.20 7.17
C PRO A 4 6.10 -2.88 5.67
N ASN A 5 6.03 -1.60 5.37
CA ASN A 5 6.15 -1.11 4.00
C ASN A 5 7.66 -1.24 3.69
N VAL A 6 7.98 -1.80 2.57
CA VAL A 6 9.42 -1.99 2.24
C VAL A 6 9.71 -1.11 0.98
N ALA A 7 10.93 -0.56 0.95
CA ALA A 7 11.26 0.20 -0.29
C ALA A 7 12.46 -0.49 -0.96
N ILE A 8 12.50 -0.50 -2.28
CA ILE A 8 13.63 -0.94 -3.06
C ILE A 8 14.47 0.33 -3.43
N ILE A 9 15.80 0.20 -3.18
CA ILE A 9 16.66 1.38 -3.62
C ILE A 9 17.70 0.76 -4.53
N VAL A 10 17.86 1.38 -5.71
CA VAL A 10 18.79 0.90 -6.74
C VAL A 10 19.22 2.05 -7.68
N ALA A 11 20.40 1.82 -8.26
CA ALA A 11 20.92 2.75 -9.30
C ALA A 11 20.99 1.98 -10.62
N ALA A 12 20.36 2.54 -11.67
CA ALA A 12 20.35 1.79 -12.98
C ALA A 12 20.56 2.78 -14.15
N LEU A 13 21.23 2.19 -15.14
CA LEU A 13 21.58 2.88 -16.40
C LEU A 13 20.46 2.71 -17.42
N LYS A 14 19.95 3.85 -17.82
CA LYS A 14 18.88 3.86 -18.87
C LYS A 14 19.51 3.65 -20.24
N PRO A 15 18.76 3.09 -21.18
CA PRO A 15 17.36 2.67 -21.07
C PRO A 15 17.12 1.20 -20.69
N ALA A 16 18.13 0.38 -20.72
CA ALA A 16 17.96 -1.06 -20.41
C ALA A 16 17.87 -1.39 -18.95
N LEU A 17 18.22 -0.42 -18.10
CA LEU A 17 18.23 -0.66 -16.65
C LEU A 17 19.22 -1.70 -16.27
N GLY A 18 20.45 -1.51 -16.74
CA GLY A 18 21.61 -2.34 -16.37
C GLY A 18 22.06 -1.97 -14.93
N ILE A 19 22.45 -2.89 -14.13
CA ILE A 19 22.88 -2.66 -12.76
C ILE A 19 24.21 -3.27 -12.31
N GLY A 20 24.82 -4.11 -13.17
CA GLY A 20 26.08 -4.74 -12.74
C GLY A 20 26.77 -5.42 -13.93
N TYR A 21 27.99 -5.75 -13.60
CA TYR A 21 28.88 -6.42 -14.56
C TYR A 21 29.88 -7.24 -13.75
N LYS A 22 29.79 -8.54 -14.03
CA LYS A 22 30.68 -9.51 -13.37
C LYS A 22 30.86 -9.31 -11.90
N GLY A 23 29.72 -9.20 -11.18
CA GLY A 23 29.62 -9.06 -9.76
C GLY A 23 29.90 -7.72 -9.15
N LYS A 24 30.19 -6.73 -9.97
CA LYS A 24 30.52 -5.36 -9.51
C LYS A 24 29.61 -4.32 -10.13
N MET A 25 29.66 -3.09 -9.59
CA MET A 25 28.85 -1.99 -10.22
C MET A 25 29.70 -1.49 -11.41
N PRO A 26 29.02 -1.18 -12.48
CA PRO A 26 29.67 -0.75 -13.73
C PRO A 26 30.20 0.67 -13.73
N TRP A 27 30.13 1.37 -12.62
CA TRP A 27 30.47 2.79 -12.49
C TRP A 27 30.86 3.06 -11.03
N ARG A 28 31.46 4.24 -10.86
CA ARG A 28 31.83 4.72 -9.54
C ARG A 28 31.35 6.20 -9.55
N LEU A 29 30.22 6.35 -8.91
CA LEU A 29 29.56 7.66 -8.75
C LEU A 29 29.64 8.01 -7.29
N ARG A 30 30.55 8.95 -7.01
CA ARG A 30 30.81 9.36 -5.59
C ARG A 30 29.66 9.98 -4.86
N LYS A 31 28.96 10.93 -5.50
CA LYS A 31 27.81 11.56 -4.82
C LYS A 31 26.66 10.56 -4.66
N GLU A 32 26.52 9.65 -5.59
CA GLU A 32 25.43 8.63 -5.52
C GLU A 32 25.62 7.71 -4.36
N ILE A 33 26.85 7.24 -4.11
CA ILE A 33 27.12 6.38 -2.92
C ILE A 33 26.79 7.15 -1.61
N ARG A 34 27.11 8.42 -1.57
CA ARG A 34 26.79 9.27 -0.40
C ARG A 34 25.30 9.40 -0.20
N TYR A 35 24.52 9.61 -1.26
CA TYR A 35 23.04 9.67 -1.15
C TYR A 35 22.51 8.30 -0.58
N PHE A 36 23.02 7.25 -1.18
CA PHE A 36 22.58 5.87 -0.67
C PHE A 36 22.80 5.79 0.85
N LYS A 37 23.97 6.22 1.33
CA LYS A 37 24.27 6.18 2.76
C LYS A 37 23.33 7.02 3.58
N ASP A 38 23.10 8.27 3.13
CA ASP A 38 22.23 9.19 3.86
C ASP A 38 20.78 8.71 3.92
N VAL A 39 20.25 8.25 2.77
CA VAL A 39 18.88 7.77 2.70
C VAL A 39 18.62 6.57 3.62
N THR A 40 19.53 5.60 3.50
CA THR A 40 19.40 4.36 4.27
C THR A 40 19.67 4.51 5.75
N THR A 41 20.43 5.55 6.15
CA THR A 41 20.77 5.71 7.58
C THR A 41 19.82 6.58 8.32
N ARG A 42 19.37 7.66 7.66
CA ARG A 42 18.50 8.62 8.43
C ARG A 42 17.16 8.07 8.90
N THR A 43 16.86 8.46 10.17
CA THR A 43 15.59 8.11 10.83
C THR A 43 15.01 9.39 11.47
N THR A 44 13.73 9.34 11.73
CA THR A 44 12.98 10.49 12.35
C THR A 44 12.61 10.19 13.79
N LYS A 45 12.22 8.96 14.05
CA LYS A 45 11.88 8.45 15.39
C LYS A 45 13.20 8.38 16.18
N PRO A 46 13.07 8.35 17.51
CA PRO A 46 14.18 8.45 18.42
C PRO A 46 15.22 7.40 18.54
N ASN A 47 14.89 6.27 19.12
CA ASN A 47 15.95 5.23 19.35
C ASN A 47 15.73 4.16 18.30
N THR A 48 15.64 4.63 17.04
CA THR A 48 15.41 3.64 15.96
C THR A 48 16.58 3.68 14.96
N ARG A 49 16.52 2.68 14.10
CA ARG A 49 17.46 2.53 13.00
C ARG A 49 16.68 1.94 11.81
N ASN A 50 17.33 1.99 10.67
CA ASN A 50 16.68 1.37 9.47
C ASN A 50 17.31 -0.03 9.29
N ALA A 51 16.63 -0.83 8.48
CA ALA A 51 17.17 -2.18 8.15
C ALA A 51 17.47 -2.19 6.67
N VAL A 52 18.60 -2.81 6.30
CA VAL A 52 18.95 -2.98 4.87
C VAL A 52 18.97 -4.49 4.61
N ILE A 53 18.28 -4.89 3.57
CA ILE A 53 18.23 -6.36 3.25
C ILE A 53 18.96 -6.55 1.94
N MET A 54 19.82 -7.58 1.90
CA MET A 54 20.59 -7.88 0.68
C MET A 54 20.73 -9.40 0.50
N GLY A 55 21.03 -9.75 -0.73
CA GLY A 55 21.28 -11.21 -1.04
C GLY A 55 22.73 -11.50 -0.61
N ARG A 56 23.01 -12.81 -0.49
CA ARG A 56 24.33 -13.27 -0.04
C ARG A 56 25.45 -12.80 -0.91
N LYS A 57 25.29 -12.77 -2.24
CA LYS A 57 26.35 -12.37 -3.16
C LYS A 57 26.73 -10.91 -2.97
N THR A 58 25.73 -10.05 -2.81
CA THR A 58 25.98 -8.62 -2.52
C THR A 58 26.76 -8.45 -1.21
N TRP A 59 26.36 -9.11 -0.15
CA TRP A 59 27.04 -9.04 1.16
C TRP A 59 28.55 -9.40 0.92
N GLU A 60 28.76 -10.53 0.24
CA GLU A 60 30.11 -11.01 0.03
C GLU A 60 30.95 -10.07 -0.81
N SER A 61 30.32 -9.21 -1.59
CA SER A 61 31.02 -8.28 -2.47
C SER A 61 31.57 -7.09 -1.68
N ILE A 62 31.13 -6.84 -0.48
CA ILE A 62 31.62 -5.71 0.36
C ILE A 62 32.85 -6.30 1.10
N PRO A 63 33.94 -5.55 1.09
CA PRO A 63 35.19 -6.05 1.77
C PRO A 63 34.87 -6.32 3.22
N GLN A 64 35.35 -7.45 3.74
CA GLN A 64 35.00 -7.87 5.10
C GLN A 64 35.14 -6.85 6.19
N LYS A 65 36.10 -5.97 6.06
CA LYS A 65 36.44 -4.89 6.97
C LYS A 65 35.38 -3.80 6.97
N PHE A 66 34.60 -3.71 5.87
CA PHE A 66 33.57 -2.69 5.73
C PHE A 66 32.13 -3.15 5.86
N ARG A 67 31.98 -4.35 6.41
CA ARG A 67 30.65 -4.89 6.71
C ARG A 67 30.64 -5.27 8.18
N PRO A 68 29.52 -5.19 8.87
CA PRO A 68 28.21 -4.78 8.30
C PRO A 68 28.25 -3.29 7.99
N LEU A 69 27.29 -2.86 7.14
CA LEU A 69 27.24 -1.37 6.89
C LEU A 69 26.81 -0.73 8.21
N PRO A 70 27.59 0.30 8.62
CA PRO A 70 27.36 0.90 9.91
C PRO A 70 26.03 1.61 10.05
N ASP A 71 25.54 1.66 11.28
CA ASP A 71 24.37 2.39 11.68
C ASP A 71 23.02 1.89 11.17
N ARG A 72 23.07 0.71 10.57
CA ARG A 72 21.82 0.07 10.07
C ARG A 72 21.85 -1.42 10.49
N LEU A 73 20.64 -1.94 10.66
CA LEU A 73 20.55 -3.42 10.91
C LEU A 73 20.74 -4.09 9.53
N ASN A 74 21.72 -4.98 9.42
CA ASN A 74 21.96 -5.68 8.14
C ASN A 74 21.28 -7.07 8.15
N ILE A 75 20.49 -7.32 7.11
CA ILE A 75 19.84 -8.64 6.96
C ILE A 75 20.36 -9.28 5.65
N ILE A 76 20.85 -10.52 5.78
CA ILE A 76 21.40 -11.20 4.61
C ILE A 76 20.53 -12.44 4.32
N LEU A 77 20.12 -12.55 3.08
CA LEU A 77 19.26 -13.70 2.69
C LEU A 77 20.09 -14.70 1.87
N SER A 78 19.82 -15.95 2.33
CA SER A 78 20.37 -17.12 1.61
C SER A 78 19.25 -18.24 1.82
N ARG A 79 19.12 -18.97 0.71
CA ARG A 79 18.18 -20.16 0.82
C ARG A 79 18.73 -21.20 1.78
N SER A 80 20.03 -21.16 2.06
CA SER A 80 20.70 -22.07 2.99
C SER A 80 20.69 -21.62 4.45
N TYR A 81 20.26 -20.40 4.77
CA TYR A 81 20.28 -19.94 6.14
C TYR A 81 19.09 -20.27 6.99
N GLU A 82 19.42 -20.58 8.24
CA GLU A 82 18.35 -20.68 9.28
C GLU A 82 18.16 -19.26 9.75
N ASN A 83 17.01 -18.94 10.24
CA ASN A 83 16.67 -17.59 10.76
C ASN A 83 17.41 -17.39 12.09
N GLU A 84 18.48 -16.62 12.05
CA GLU A 84 19.38 -16.47 13.22
C GLU A 84 19.85 -15.03 13.41
N ILE A 85 19.84 -14.60 14.66
CA ILE A 85 20.40 -13.29 15.04
C ILE A 85 21.90 -13.54 15.28
N ILE A 86 22.73 -12.96 14.46
CA ILE A 86 24.20 -13.13 14.65
C ILE A 86 24.68 -12.27 15.79
N ASP A 87 24.43 -10.98 15.66
CA ASP A 87 24.76 -9.99 16.73
C ASP A 87 23.69 -8.89 16.59
N ASP A 88 23.91 -7.78 17.27
CA ASP A 88 22.89 -6.72 17.18
C ASP A 88 22.75 -6.08 15.79
N ASN A 89 23.71 -6.23 14.90
CA ASN A 89 23.73 -5.61 13.60
C ASN A 89 23.52 -6.56 12.44
N ILE A 90 23.54 -7.86 12.69
CA ILE A 90 23.45 -8.83 11.56
C ILE A 90 22.43 -9.93 11.91
N ILE A 91 21.61 -10.14 10.91
CA ILE A 91 20.59 -11.22 10.91
C ILE A 91 20.77 -12.08 9.65
N HIS A 92 20.67 -13.37 9.84
CA HIS A 92 20.64 -14.33 8.67
C HIS A 92 19.19 -14.82 8.56
N ALA A 93 18.73 -14.93 7.32
CA ALA A 93 17.34 -15.41 7.11
C ALA A 93 17.25 -16.02 5.72
N SER A 94 16.18 -16.84 5.52
CA SER A 94 15.95 -17.40 4.19
C SER A 94 14.75 -16.77 3.46
N SER A 95 14.08 -15.83 4.13
CA SER A 95 12.96 -15.11 3.52
C SER A 95 12.83 -13.70 4.16
N ILE A 96 12.40 -12.79 3.29
CA ILE A 96 12.23 -11.36 3.76
C ILE A 96 11.33 -11.33 4.93
N GLU A 97 10.15 -11.98 4.79
CA GLU A 97 9.17 -11.94 5.86
C GLU A 97 9.56 -12.62 7.14
N SER A 98 10.24 -13.76 7.07
CA SER A 98 10.73 -14.40 8.32
C SER A 98 11.74 -13.52 9.02
N SER A 99 12.57 -12.80 8.22
CA SER A 99 13.61 -11.96 8.83
C SER A 99 13.01 -10.81 9.66
N LEU A 100 11.90 -10.25 9.11
CA LEU A 100 11.22 -9.12 9.78
C LEU A 100 10.61 -9.48 11.10
N ASN A 101 10.32 -10.76 11.31
CA ASN A 101 9.76 -11.26 12.59
C ASN A 101 10.79 -11.15 13.70
N LEU A 102 12.06 -11.18 13.32
CA LEU A 102 13.18 -11.08 14.24
C LEU A 102 13.56 -9.64 14.64
N VAL A 103 12.98 -8.65 14.00
CA VAL A 103 13.36 -7.26 14.25
C VAL A 103 12.30 -6.48 15.05
N SER A 104 12.84 -5.47 15.71
CA SER A 104 12.07 -4.46 16.44
C SER A 104 12.91 -3.16 16.50
N ASP A 105 12.21 -2.07 16.75
CA ASP A 105 12.85 -0.74 16.83
C ASP A 105 13.51 -0.38 15.49
N VAL A 106 12.82 -0.79 14.43
CA VAL A 106 13.26 -0.42 13.06
C VAL A 106 12.25 0.58 12.51
N GLU A 107 12.75 1.65 11.89
CA GLU A 107 11.89 2.66 11.27
C GLU A 107 11.55 2.25 9.83
N ARG A 108 12.48 2.32 8.92
CA ARG A 108 12.23 1.89 7.51
C ARG A 108 13.07 0.67 7.14
N VAL A 109 12.54 -0.05 6.10
CA VAL A 109 13.23 -1.26 5.64
C VAL A 109 13.55 -1.03 4.15
N PHE A 110 14.80 -1.28 3.77
CA PHE A 110 15.22 -1.08 2.40
C PHE A 110 15.80 -2.40 1.84
N ILE A 111 15.43 -2.70 0.63
CA ILE A 111 16.07 -3.79 -0.12
C ILE A 111 17.18 -3.12 -1.00
N ILE A 112 18.40 -3.57 -0.74
CA ILE A 112 19.56 -2.97 -1.39
C ILE A 112 20.27 -3.72 -2.47
N GLY A 113 19.74 -4.88 -2.88
CA GLY A 113 20.32 -5.65 -3.97
C GLY A 113 20.63 -7.07 -3.55
N GLY A 114 21.15 -7.91 -4.46
CA GLY A 114 21.43 -7.53 -5.86
C GLY A 114 20.33 -7.94 -6.83
N ALA A 115 20.77 -8.24 -8.07
CA ALA A 115 19.82 -8.52 -9.16
C ALA A 115 18.76 -9.52 -8.86
N GLU A 116 19.20 -10.68 -8.36
CA GLU A 116 18.22 -11.76 -8.09
C GLU A 116 17.22 -11.36 -7.08
N ILE A 117 17.70 -10.72 -6.00
CA ILE A 117 16.82 -10.22 -4.94
C ILE A 117 15.84 -9.20 -5.52
N TYR A 118 16.37 -8.26 -6.30
CA TYR A 118 15.48 -7.23 -6.87
C TYR A 118 14.34 -7.81 -7.75
N ASN A 119 14.78 -8.67 -8.63
CA ASN A 119 13.90 -9.27 -9.67
C ASN A 119 12.80 -10.16 -9.07
N GLU A 120 13.10 -10.75 -7.93
CA GLU A 120 12.09 -11.62 -7.27
C GLU A 120 11.22 -10.78 -6.37
N LEU A 121 11.81 -9.89 -5.56
CA LEU A 121 11.08 -9.09 -4.59
C LEU A 121 10.22 -7.98 -5.08
N ILE A 122 10.43 -7.51 -6.31
CA ILE A 122 9.62 -6.48 -6.94
C ILE A 122 8.12 -6.94 -6.98
N ASN A 123 7.95 -8.27 -7.07
CA ASN A 123 6.57 -8.79 -7.14
C ASN A 123 6.00 -9.12 -5.76
N ASN A 124 6.63 -8.75 -4.68
CA ASN A 124 6.14 -9.04 -3.31
C ASN A 124 5.38 -7.78 -2.89
N SER A 125 4.10 -7.93 -2.47
CA SER A 125 3.26 -6.81 -2.13
C SER A 125 3.74 -5.96 -0.95
N LEU A 126 4.68 -6.49 -0.16
CA LEU A 126 5.29 -5.69 0.94
C LEU A 126 6.01 -4.46 0.28
N VAL A 127 6.55 -4.64 -0.89
CA VAL A 127 7.27 -3.54 -1.58
C VAL A 127 6.29 -2.46 -2.04
N SER A 128 6.38 -1.26 -1.44
CA SER A 128 5.49 -0.15 -1.71
C SER A 128 6.14 1.00 -2.44
N HIS A 129 7.49 1.11 -2.36
CA HIS A 129 8.19 2.25 -2.98
C HIS A 129 9.47 1.79 -3.66
N LEU A 130 9.74 2.47 -4.79
CA LEU A 130 10.96 2.25 -5.52
C LEU A 130 11.74 3.59 -5.51
N LEU A 131 12.97 3.48 -5.03
CA LEU A 131 13.88 4.69 -5.14
C LEU A 131 14.89 4.32 -6.20
N ILE A 132 14.71 4.86 -7.41
CA ILE A 132 15.59 4.52 -8.52
C ILE A 132 16.44 5.75 -8.91
N THR A 133 17.74 5.47 -8.86
CA THR A 133 18.66 6.54 -9.41
C THR A 133 18.74 6.22 -10.93
N GLU A 134 18.25 7.20 -11.69
CA GLU A 134 18.23 7.01 -13.17
C GLU A 134 19.45 7.64 -13.77
N ILE A 135 20.32 6.78 -14.26
CA ILE A 135 21.60 7.23 -14.85
C ILE A 135 21.48 7.24 -16.38
N GLU A 136 22.10 8.27 -16.92
CA GLU A 136 22.17 8.45 -18.40
C GLU A 136 23.61 8.63 -18.79
N HIS A 137 23.89 8.13 -19.99
CA HIS A 137 25.26 8.21 -20.61
C HIS A 137 25.04 8.45 -22.10
N PRO A 138 25.94 9.17 -22.74
CA PRO A 138 25.83 9.44 -24.19
C PRO A 138 25.88 8.18 -25.06
N SER A 139 26.54 7.16 -24.59
CA SER A 139 26.73 5.88 -25.35
C SER A 139 26.66 4.70 -24.40
N PRO A 140 25.44 4.40 -23.94
CA PRO A 140 25.19 3.36 -22.95
C PRO A 140 25.62 2.00 -23.41
N GLU A 141 25.62 1.84 -24.73
CA GLU A 141 26.00 0.58 -25.38
C GLU A 141 27.47 0.23 -25.20
N SER A 142 28.27 1.22 -24.82
CA SER A 142 29.72 1.03 -24.62
C SER A 142 30.03 0.58 -23.21
N ILE A 143 29.03 0.68 -22.34
CA ILE A 143 29.22 0.23 -20.94
C ILE A 143 28.83 -1.24 -20.87
N GLU A 144 29.81 -2.06 -20.49
CA GLU A 144 29.56 -3.51 -20.38
C GLU A 144 28.75 -3.85 -19.15
N MET A 145 27.61 -4.43 -19.43
CA MET A 145 26.64 -4.87 -18.38
C MET A 145 26.17 -6.30 -18.72
N ASP A 146 25.99 -7.04 -17.65
CA ASP A 146 25.54 -8.43 -17.75
C ASP A 146 24.30 -8.70 -16.89
N THR A 147 23.92 -7.73 -16.09
CA THR A 147 22.83 -7.85 -15.09
C THR A 147 21.87 -6.69 -15.19
N PHE A 148 20.57 -6.97 -15.26
CA PHE A 148 19.55 -5.98 -15.51
C PHE A 148 18.30 -6.14 -14.64
N LEU A 149 17.64 -5.00 -14.48
CA LEU A 149 16.36 -5.04 -13.74
C LEU A 149 15.28 -5.56 -14.70
N LYS A 150 14.41 -6.32 -14.12
CA LYS A 150 13.21 -6.81 -14.87
C LYS A 150 12.01 -6.41 -14.01
N PHE A 151 11.74 -5.09 -14.09
CA PHE A 151 10.64 -4.50 -13.36
C PHE A 151 9.43 -4.14 -14.24
N PRO A 152 8.25 -4.47 -13.73
CA PRO A 152 7.01 -4.16 -14.51
C PRO A 152 6.58 -2.74 -14.24
N LEU A 153 7.31 -1.77 -14.80
CA LEU A 153 7.09 -0.34 -14.52
C LEU A 153 5.77 0.21 -15.00
N GLU A 154 5.11 -0.59 -15.86
CA GLU A 154 3.75 -0.15 -16.32
C GLU A 154 2.75 -0.19 -15.20
N SER A 155 3.04 -0.88 -14.10
CA SER A 155 2.21 -0.96 -12.90
C SER A 155 2.63 0.03 -11.79
N TRP A 156 3.63 0.83 -12.10
CA TRP A 156 4.14 1.83 -11.07
C TRP A 156 3.99 3.22 -11.67
N THR A 157 3.93 4.20 -10.79
CA THR A 157 3.84 5.62 -11.20
C THR A 157 5.08 6.39 -10.59
N LYS A 158 5.71 7.11 -11.52
CA LYS A 158 6.87 7.93 -11.10
C LYS A 158 6.30 9.22 -10.49
N GLN A 159 6.66 9.50 -9.27
CA GLN A 159 6.11 10.70 -8.57
C GLN A 159 6.94 11.97 -8.88
N PRO A 160 6.30 13.11 -8.58
CA PRO A 160 7.05 14.39 -8.79
C PRO A 160 8.14 14.45 -7.72
N LYS A 161 9.13 15.31 -7.99
CA LYS A 161 10.24 15.49 -7.04
C LYS A 161 9.78 15.90 -5.65
N SER A 162 8.69 16.65 -5.52
CA SER A 162 8.17 17.07 -4.24
C SER A 162 7.92 15.85 -3.33
N GLU A 163 7.41 14.77 -3.92
CA GLU A 163 7.13 13.54 -3.12
C GLU A 163 8.42 12.87 -2.71
N LEU A 164 9.41 12.85 -3.61
CA LEU A 164 10.71 12.27 -3.21
C LEU A 164 11.29 13.08 -2.05
N GLN A 165 11.26 14.42 -2.18
CA GLN A 165 11.76 15.30 -1.13
C GLN A 165 11.14 14.97 0.20
N LYS A 166 9.82 14.77 0.23
CA LYS A 166 9.11 14.46 1.45
C LYS A 166 9.57 13.09 2.03
N PHE A 167 9.85 12.17 1.15
CA PHE A 167 10.30 10.82 1.55
C PHE A 167 11.65 10.91 2.25
N VAL A 168 12.59 11.62 1.66
CA VAL A 168 13.97 11.72 2.18
C VAL A 168 14.19 12.75 3.23
N GLY A 169 13.23 13.59 3.56
CA GLY A 169 13.33 14.63 4.59
C GLY A 169 14.37 15.68 4.26
N ASP A 170 15.34 15.85 5.15
CA ASP A 170 16.46 16.75 5.10
C ASP A 170 17.45 16.60 3.94
N THR A 171 17.57 15.43 3.37
CA THR A 171 18.56 15.16 2.33
C THR A 171 18.45 16.13 1.15
N VAL A 172 19.64 16.62 0.79
CA VAL A 172 19.78 17.56 -0.37
C VAL A 172 19.73 16.69 -1.64
N LEU A 173 18.80 17.10 -2.49
CA LEU A 173 18.59 16.45 -3.78
C LEU A 173 18.97 17.42 -4.93
N GLU A 174 20.18 17.17 -5.43
CA GLU A 174 20.60 18.01 -6.60
C GLU A 174 20.03 17.34 -7.84
N ASP A 175 19.88 18.14 -8.89
CA ASP A 175 19.32 17.71 -10.18
C ASP A 175 20.43 17.57 -11.22
N ASP A 176 20.24 16.67 -12.18
CA ASP A 176 21.17 16.44 -13.25
C ASP A 176 22.62 16.40 -12.80
N ILE A 177 22.90 15.54 -11.84
CA ILE A 177 24.26 15.42 -11.29
C ILE A 177 25.13 14.80 -12.36
N LYS A 178 26.30 15.44 -12.59
CA LYS A 178 27.22 14.90 -13.62
C LYS A 178 28.50 14.42 -12.97
N GLU A 179 28.91 13.25 -13.33
CA GLU A 179 30.16 12.66 -12.85
C GLU A 179 30.77 11.97 -14.06
N GLY A 180 31.82 12.63 -14.58
CA GLY A 180 32.46 12.08 -15.80
C GLY A 180 31.41 12.22 -16.92
N ASP A 181 31.14 11.11 -17.60
CA ASP A 181 30.16 11.12 -18.69
C ASP A 181 28.74 10.75 -18.26
N PHE A 182 28.56 10.42 -17.01
CA PHE A 182 27.22 10.03 -16.48
C PHE A 182 26.48 11.25 -15.93
N THR A 183 25.20 11.27 -16.18
CA THR A 183 24.27 12.28 -15.64
C THR A 183 23.16 11.45 -14.92
N TYR A 184 22.84 11.88 -13.73
CA TYR A 184 21.81 11.15 -12.98
C TYR A 184 20.89 12.01 -12.17
N ASN A 185 19.72 11.38 -11.88
CA ASN A 185 18.66 12.00 -11.08
C ASN A 185 18.06 10.92 -10.14
N TYR A 186 17.60 11.41 -9.02
CA TYR A 186 16.94 10.49 -8.03
C TYR A 186 15.43 10.52 -8.32
N THR A 187 14.76 9.35 -8.18
CA THR A 187 13.31 9.33 -8.44
C THR A 187 12.60 8.41 -7.41
N LEU A 188 11.31 8.62 -7.29
CA LEU A 188 10.47 7.85 -6.39
C LEU A 188 9.26 7.31 -7.22
N TRP A 189 8.98 6.05 -6.99
CA TRP A 189 7.84 5.41 -7.74
C TRP A 189 6.93 4.75 -6.71
N THR A 190 5.63 4.75 -7.02
CA THR A 190 4.66 4.04 -6.16
C THR A 190 3.74 3.20 -7.07
N ARG A 191 3.09 2.23 -6.40
CA ARG A 191 2.22 1.32 -7.21
C ARG A 191 0.93 2.05 -7.61
N LYS A 192 0.48 1.76 -8.84
CA LYS A 192 -0.83 2.30 -9.29
C LYS A 192 -1.98 1.56 -8.59
N MET B 1 1.16 -11.63 -9.98
CA MET B 1 1.16 -11.25 -8.54
C MET B 1 -0.31 -11.43 -8.08
N LEU B 2 -0.46 -12.10 -6.94
CA LEU B 2 -1.85 -12.32 -6.43
C LEU B 2 -2.29 -10.95 -5.85
N LYS B 3 -3.56 -10.66 -6.10
CA LYS B 3 -4.12 -9.41 -5.59
C LYS B 3 -5.49 -9.71 -4.92
N PRO B 4 -5.78 -8.92 -3.90
CA PRO B 4 -7.10 -9.04 -3.21
C PRO B 4 -8.19 -8.45 -4.11
N ASN B 5 -9.41 -8.86 -3.77
CA ASN B 5 -10.64 -8.41 -4.51
C ASN B 5 -11.27 -7.37 -3.55
N VAL B 6 -11.16 -6.14 -4.02
CA VAL B 6 -11.53 -4.97 -3.17
C VAL B 6 -12.64 -4.12 -3.83
N ALA B 7 -13.54 -3.72 -2.95
CA ALA B 7 -14.63 -2.83 -3.34
C ALA B 7 -14.86 -1.79 -2.24
N ILE B 8 -15.35 -0.64 -2.72
CA ILE B 8 -15.79 0.43 -1.83
C ILE B 8 -17.33 0.28 -1.67
N ILE B 9 -17.78 0.44 -0.45
CA ILE B 9 -19.27 0.44 -0.26
C ILE B 9 -19.58 1.71 0.53
N VAL B 10 -20.61 2.43 0.03
CA VAL B 10 -20.96 3.71 0.66
C VAL B 10 -22.44 4.05 0.38
N ALA B 11 -22.98 4.87 1.25
CA ALA B 11 -24.40 5.37 1.04
C ALA B 11 -24.28 6.90 0.94
N ALA B 12 -24.79 7.52 -0.11
CA ALA B 12 -24.62 8.97 -0.35
C ALA B 12 -25.87 9.65 -0.84
N LEU B 13 -26.04 10.88 -0.40
CA LEU B 13 -27.21 11.70 -0.79
C LEU B 13 -26.88 12.52 -2.02
N LYS B 14 -27.73 12.32 -3.02
CA LYS B 14 -27.60 13.06 -4.29
C LYS B 14 -28.25 14.44 -4.09
N PRO B 15 -27.80 15.41 -4.90
CA PRO B 15 -26.78 15.28 -5.92
C PRO B 15 -25.34 15.51 -5.47
N ALA B 16 -25.15 16.06 -4.29
CA ALA B 16 -23.85 16.40 -3.74
C ALA B 16 -22.97 15.29 -3.26
N LEU B 17 -23.53 14.13 -3.04
CA LEU B 17 -22.77 12.95 -2.54
C LEU B 17 -22.27 13.17 -1.14
N GLY B 18 -23.18 13.70 -0.33
CA GLY B 18 -22.88 13.92 1.11
C GLY B 18 -22.94 12.57 1.82
N ILE B 19 -22.02 12.33 2.76
CA ILE B 19 -22.03 11.09 3.53
C ILE B 19 -22.00 11.16 5.03
N GLY B 20 -21.87 12.39 5.57
CA GLY B 20 -21.76 12.44 7.05
C GLY B 20 -21.94 13.87 7.58
N TYR B 21 -22.16 13.87 8.89
CA TYR B 21 -22.31 15.18 9.57
C TYR B 21 -21.88 14.99 11.02
N LYS B 22 -20.87 15.80 11.37
CA LYS B 22 -20.33 15.79 12.74
C LYS B 22 -20.03 14.40 13.25
N GLY B 23 -19.36 13.61 12.40
CA GLY B 23 -18.94 12.26 12.72
C GLY B 23 -19.98 11.18 12.73
N LYS B 24 -21.17 11.48 12.28
CA LYS B 24 -22.27 10.46 12.25
C LYS B 24 -22.89 10.50 10.87
N MET B 25 -23.74 9.51 10.64
CA MET B 25 -24.47 9.48 9.33
C MET B 25 -25.69 10.38 9.49
N PRO B 26 -26.03 11.10 8.43
CA PRO B 26 -27.13 12.03 8.45
C PRO B 26 -28.53 11.47 8.36
N TRP B 27 -28.69 10.17 8.33
CA TRP B 27 -29.98 9.45 8.21
C TRP B 27 -29.92 8.13 8.97
N ARG B 28 -31.10 7.59 9.21
CA ARG B 28 -31.17 6.25 9.87
C ARG B 28 -32.11 5.44 8.95
N LEU B 29 -31.49 4.65 8.11
CA LEU B 29 -32.26 3.83 7.12
C LEU B 29 -32.10 2.37 7.49
N ARG B 30 -33.21 1.81 7.95
CA ARG B 30 -33.29 0.44 8.43
C ARG B 30 -32.95 -0.62 7.42
N LYS B 31 -33.54 -0.48 6.23
CA LYS B 31 -33.26 -1.49 5.19
C LYS B 31 -31.81 -1.36 4.68
N GLU B 32 -31.35 -0.15 4.57
CA GLU B 32 -29.98 0.16 4.07
C GLU B 32 -28.92 -0.49 5.00
N ILE B 33 -29.08 -0.39 6.29
CA ILE B 33 -28.14 -1.00 7.26
C ILE B 33 -28.11 -2.52 7.13
N ARG B 34 -29.28 -3.11 6.87
CA ARG B 34 -29.41 -4.54 6.66
C ARG B 34 -28.69 -4.98 5.40
N TYR B 35 -28.87 -4.22 4.31
CA TYR B 35 -28.17 -4.49 3.03
C TYR B 35 -26.66 -4.43 3.29
N PHE B 36 -26.21 -3.39 3.99
CA PHE B 36 -24.77 -3.29 4.31
C PHE B 36 -24.29 -4.56 5.04
N LYS B 37 -24.99 -4.93 6.09
CA LYS B 37 -24.63 -6.18 6.83
C LYS B 37 -24.63 -7.39 5.90
N ASP B 38 -25.72 -7.62 5.15
CA ASP B 38 -25.78 -8.78 4.22
C ASP B 38 -24.69 -8.84 3.17
N VAL B 39 -24.41 -7.75 2.46
CA VAL B 39 -23.41 -7.77 1.40
C VAL B 39 -21.99 -7.92 1.96
N THR B 40 -21.75 -7.22 3.08
CA THR B 40 -20.32 -7.33 3.60
C THR B 40 -20.05 -8.64 4.27
N THR B 41 -21.08 -9.36 4.69
CA THR B 41 -20.93 -10.64 5.41
C THR B 41 -20.98 -11.84 4.49
N ARG B 42 -21.78 -11.79 3.44
CA ARG B 42 -21.95 -12.95 2.55
C ARG B 42 -20.69 -13.38 1.86
N THR B 43 -20.49 -14.73 1.86
CA THR B 43 -19.43 -15.41 1.17
C THR B 43 -20.01 -16.52 0.26
N THR B 44 -19.15 -16.99 -0.61
CA THR B 44 -19.62 -18.03 -1.58
C THR B 44 -19.65 -19.41 -0.94
N LYS B 45 -18.90 -19.61 0.10
CA LYS B 45 -18.86 -20.93 0.80
C LYS B 45 -18.85 -20.76 2.29
N PRO B 46 -19.30 -21.81 3.00
CA PRO B 46 -19.33 -21.76 4.46
C PRO B 46 -17.86 -21.75 4.97
N ASN B 47 -17.78 -21.30 6.20
CA ASN B 47 -16.49 -21.27 6.94
C ASN B 47 -15.43 -20.41 6.22
N THR B 48 -15.92 -19.34 5.62
CA THR B 48 -15.05 -18.29 5.01
C THR B 48 -15.60 -16.92 5.44
N ARG B 49 -14.77 -15.86 5.24
CA ARG B 49 -15.28 -14.53 5.71
C ARG B 49 -14.64 -13.43 4.84
N ASN B 50 -15.23 -12.26 4.98
CA ASN B 50 -14.68 -11.06 4.27
C ASN B 50 -13.99 -10.18 5.32
N ALA B 51 -13.29 -9.16 4.81
CA ALA B 51 -12.70 -8.15 5.71
C ALA B 51 -13.42 -6.79 5.41
N VAL B 52 -13.43 -5.95 6.46
CA VAL B 52 -13.93 -4.57 6.34
C VAL B 52 -12.72 -3.69 6.82
N ILE B 53 -12.39 -2.73 6.02
CA ILE B 53 -11.28 -1.76 6.39
C ILE B 53 -11.97 -0.41 6.64
N MET B 54 -11.55 0.23 7.77
CA MET B 54 -12.21 1.53 8.11
C MET B 54 -11.17 2.45 8.79
N GLY B 55 -11.47 3.71 8.74
CA GLY B 55 -10.59 4.70 9.42
C GLY B 55 -11.02 4.65 10.90
N ARG B 56 -10.08 5.23 11.69
CA ARG B 56 -10.30 5.24 13.17
C ARG B 56 -11.57 6.00 13.57
N LYS B 57 -11.88 7.11 12.93
CA LYS B 57 -13.06 7.89 13.27
C LYS B 57 -14.35 7.09 13.12
N THR B 58 -14.41 6.35 12.01
CA THR B 58 -15.64 5.50 11.79
C THR B 58 -15.70 4.39 12.87
N TRP B 59 -14.57 3.77 13.15
CA TRP B 59 -14.57 2.69 14.21
C TRP B 59 -15.10 3.24 15.53
N GLU B 60 -14.62 4.43 15.86
CA GLU B 60 -15.01 5.07 17.13
C GLU B 60 -16.46 5.46 17.19
N SER B 61 -17.06 5.66 16.04
CA SER B 61 -18.46 6.03 15.92
C SER B 61 -19.38 4.86 16.22
N ILE B 62 -18.86 3.63 16.23
CA ILE B 62 -19.62 2.43 16.53
C ILE B 62 -19.56 2.26 18.08
N PRO B 63 -20.73 2.11 18.65
CA PRO B 63 -20.84 1.89 20.12
C PRO B 63 -20.00 0.67 20.48
N GLN B 64 -19.24 0.76 21.58
CA GLN B 64 -18.37 -0.30 22.02
C GLN B 64 -18.96 -1.68 22.10
N LYS B 65 -20.26 -1.82 22.42
CA LYS B 65 -20.85 -3.16 22.55
C LYS B 65 -21.18 -3.81 21.18
N PHE B 66 -21.12 -2.94 20.16
CA PHE B 66 -21.39 -3.37 18.80
C PHE B 66 -20.18 -3.52 17.91
N ARG B 67 -19.03 -3.47 18.51
CA ARG B 67 -17.78 -3.69 17.73
C ARG B 67 -17.04 -4.83 18.38
N PRO B 68 -16.30 -5.62 17.64
CA PRO B 68 -16.12 -5.47 16.17
C PRO B 68 -17.41 -5.86 15.43
N LEU B 69 -17.52 -5.42 14.16
CA LEU B 69 -18.66 -5.89 13.31
C LEU B 69 -18.52 -7.41 13.19
N PRO B 70 -19.62 -8.09 13.55
CA PRO B 70 -19.61 -9.55 13.62
C PRO B 70 -19.42 -10.22 12.25
N ASP B 71 -18.81 -11.38 12.27
CA ASP B 71 -18.63 -12.28 11.13
C ASP B 71 -17.71 -11.78 10.03
N ARG B 72 -16.98 -10.71 10.32
CA ARG B 72 -16.02 -10.16 9.33
C ARG B 72 -14.72 -9.80 10.09
N LEU B 73 -13.65 -9.85 9.32
CA LEU B 73 -12.36 -9.38 9.93
C LEU B 73 -12.45 -7.83 9.91
N ASN B 74 -12.18 -7.18 11.02
CA ASN B 74 -12.21 -5.70 11.09
C ASN B 74 -10.77 -5.15 11.12
N ILE B 75 -10.41 -4.28 10.20
CA ILE B 75 -9.11 -3.65 10.10
C ILE B 75 -9.33 -2.12 10.27
N ILE B 76 -8.59 -1.59 11.22
CA ILE B 76 -8.81 -0.11 11.55
C ILE B 76 -7.47 0.59 11.32
N LEU B 77 -7.54 1.67 10.63
CA LEU B 77 -6.37 2.49 10.28
C LEU B 77 -6.20 3.69 11.22
N SER B 78 -4.92 3.83 11.67
CA SER B 78 -4.62 5.08 12.45
C SER B 78 -3.12 5.34 12.14
N ARG B 79 -2.82 6.61 11.93
CA ARG B 79 -1.37 6.95 11.72
C ARG B 79 -0.61 6.76 13.01
N SER B 80 -1.25 6.56 14.15
CA SER B 80 -0.64 6.35 15.44
C SER B 80 -0.45 4.89 15.81
N TYR B 81 -1.01 4.00 14.97
CA TYR B 81 -0.88 2.58 15.31
C TYR B 81 0.39 1.96 14.78
N GLU B 82 0.68 0.85 15.44
CA GLU B 82 1.69 -0.11 14.95
C GLU B 82 0.82 -1.26 14.38
N ASN B 83 1.32 -1.87 13.32
CA ASN B 83 0.56 -3.04 12.74
C ASN B 83 0.49 -4.11 13.88
N GLU B 84 -0.70 -4.47 14.23
CA GLU B 84 -0.85 -5.48 15.30
C GLU B 84 -2.15 -6.26 15.15
N ILE B 85 -2.00 -7.56 15.33
CA ILE B 85 -3.19 -8.43 15.34
C ILE B 85 -3.68 -8.50 16.82
N ILE B 86 -4.80 -7.87 17.07
CA ILE B 86 -5.37 -7.83 18.44
C ILE B 86 -5.91 -9.21 18.77
N ASP B 87 -6.83 -9.64 17.94
CA ASP B 87 -7.40 -11.03 18.13
C ASP B 87 -7.80 -11.49 16.68
N ASP B 88 -8.59 -12.58 16.67
CA ASP B 88 -9.01 -13.11 15.35
C ASP B 88 -9.88 -12.12 14.56
N ASN B 89 -10.54 -11.20 15.20
CA ASN B 89 -11.47 -10.29 14.56
C ASN B 89 -11.04 -8.85 14.37
N ILE B 90 -9.92 -8.50 15.02
CA ILE B 90 -9.50 -7.09 14.98
C ILE B 90 -8.00 -6.97 14.68
N ILE B 91 -7.70 -6.10 13.74
CA ILE B 91 -6.31 -5.80 13.39
C ILE B 91 -6.21 -4.27 13.31
N HIS B 92 -5.03 -3.81 13.80
CA HIS B 92 -4.70 -2.34 13.66
C HIS B 92 -3.63 -2.25 12.60
N ALA B 93 -3.84 -1.28 11.71
CA ALA B 93 -2.89 -1.08 10.61
C ALA B 93 -2.42 0.41 10.62
N SER B 94 -1.14 0.60 10.30
CA SER B 94 -0.57 1.96 10.30
C SER B 94 -0.57 2.66 8.97
N SER B 95 -0.96 2.00 7.88
CA SER B 95 -0.97 2.61 6.54
C SER B 95 -1.96 1.85 5.65
N ILE B 96 -2.34 2.52 4.58
CA ILE B 96 -3.25 1.82 3.63
C ILE B 96 -2.57 0.59 3.06
N GLU B 97 -1.29 0.76 2.67
CA GLU B 97 -0.50 -0.34 2.08
C GLU B 97 -0.42 -1.53 3.02
N SER B 98 -0.22 -1.26 4.32
CA SER B 98 -0.21 -2.37 5.29
C SER B 98 -1.58 -3.05 5.37
N SER B 99 -2.64 -2.28 5.39
CA SER B 99 -4.04 -2.86 5.58
C SER B 99 -4.30 -3.87 4.45
N LEU B 100 -3.86 -3.55 3.24
CA LEU B 100 -4.04 -4.40 2.08
C LEU B 100 -3.16 -5.61 2.08
N ASN B 101 -2.22 -5.67 3.00
CA ASN B 101 -1.29 -6.78 3.20
C ASN B 101 -1.72 -7.67 4.36
N LEU B 102 -2.82 -7.31 5.00
CA LEU B 102 -3.33 -8.03 6.17
C LEU B 102 -4.68 -8.72 5.89
N VAL B 103 -4.88 -9.03 4.59
CA VAL B 103 -6.19 -9.66 4.22
C VAL B 103 -6.01 -10.98 3.49
N SER B 104 -4.95 -11.72 3.83
CA SER B 104 -4.65 -13.00 3.16
C SER B 104 -5.63 -14.14 3.48
N ASP B 105 -6.41 -14.06 4.50
CA ASP B 105 -7.32 -15.14 4.92
C ASP B 105 -8.78 -14.91 4.53
N VAL B 106 -9.08 -13.85 3.77
CA VAL B 106 -10.50 -13.54 3.48
C VAL B 106 -10.82 -13.68 1.98
N GLU B 107 -12.13 -13.67 1.71
CA GLU B 107 -12.65 -13.80 0.35
C GLU B 107 -12.67 -12.42 -0.35
N ARG B 108 -13.46 -11.51 0.16
CA ARG B 108 -13.50 -10.15 -0.45
C ARG B 108 -13.08 -9.12 0.67
N VAL B 109 -12.72 -7.97 0.15
CA VAL B 109 -12.33 -6.86 1.07
C VAL B 109 -13.23 -5.68 0.79
N PHE B 110 -13.87 -5.16 1.79
CA PHE B 110 -14.74 -3.96 1.61
C PHE B 110 -14.14 -2.76 2.37
N ILE B 111 -14.07 -1.65 1.63
CA ILE B 111 -13.61 -0.38 2.28
C ILE B 111 -14.93 0.28 2.70
N ILE B 112 -15.09 0.47 4.01
CA ILE B 112 -16.36 0.92 4.57
C ILE B 112 -16.41 2.33 5.10
N GLY B 113 -15.34 3.12 4.85
CA GLY B 113 -15.42 4.54 5.31
C GLY B 113 -14.30 4.88 6.29
N GLY B 114 -14.17 6.15 6.63
CA GLY B 114 -15.03 7.28 6.24
C GLY B 114 -14.44 8.00 5.03
N ALA B 115 -14.76 9.31 4.96
CA ALA B 115 -14.41 10.18 3.86
C ALA B 115 -12.95 10.17 3.47
N GLU B 116 -12.10 10.34 4.51
CA GLU B 116 -10.66 10.36 4.25
C GLU B 116 -10.19 9.07 3.59
N ILE B 117 -10.66 7.94 4.20
CA ILE B 117 -10.26 6.63 3.62
C ILE B 117 -10.76 6.50 2.19
N TYR B 118 -12.07 6.83 1.97
CA TYR B 118 -12.58 6.73 0.60
C TYR B 118 -11.77 7.54 -0.43
N ASN B 119 -11.46 8.75 -0.01
CA ASN B 119 -10.72 9.68 -0.91
C ASN B 119 -9.33 9.20 -1.17
N GLU B 120 -8.75 8.41 -0.23
CA GLU B 120 -7.43 7.86 -0.41
C GLU B 120 -7.41 6.58 -1.27
N LEU B 121 -8.55 5.87 -1.26
CA LEU B 121 -8.63 4.60 -1.98
C LEU B 121 -9.19 4.58 -3.35
N ILE B 122 -9.95 5.66 -3.67
CA ILE B 122 -10.70 5.68 -4.97
C ILE B 122 -9.82 5.51 -6.18
N ASN B 123 -8.60 6.03 -6.08
CA ASN B 123 -7.70 5.91 -7.25
C ASN B 123 -6.76 4.72 -7.24
N ASN B 124 -6.92 3.84 -6.26
CA ASN B 124 -6.06 2.65 -6.13
C ASN B 124 -6.54 1.61 -7.13
N SER B 125 -5.64 1.13 -7.97
CA SER B 125 -6.03 0.12 -9.00
C SER B 125 -6.56 -1.16 -8.40
N LEU B 126 -6.36 -1.45 -7.13
CA LEU B 126 -6.92 -2.62 -6.48
C LEU B 126 -8.45 -2.51 -6.34
N VAL B 127 -8.96 -1.28 -6.22
CA VAL B 127 -10.45 -1.12 -6.05
C VAL B 127 -11.08 -1.28 -7.46
N SER B 128 -11.91 -2.31 -7.60
CA SER B 128 -12.51 -2.60 -8.92
C SER B 128 -14.02 -2.44 -8.95
N HIS B 129 -14.63 -2.19 -7.83
CA HIS B 129 -16.09 -1.98 -7.75
C HIS B 129 -16.43 -0.85 -6.78
N LEU B 130 -17.46 -0.08 -7.08
CA LEU B 130 -18.05 0.86 -6.13
C LEU B 130 -19.51 0.40 -5.96
N LEU B 131 -19.88 0.20 -4.70
CA LEU B 131 -21.32 -0.19 -4.44
C LEU B 131 -21.88 1.07 -3.76
N ILE B 132 -22.66 1.85 -4.50
CA ILE B 132 -23.17 3.10 -3.96
C ILE B 132 -24.69 3.02 -3.83
N THR B 133 -25.09 3.28 -2.60
CA THR B 133 -26.57 3.42 -2.33
C THR B 133 -26.81 4.91 -2.68
N GLU B 134 -27.57 5.11 -3.75
CA GLU B 134 -27.89 6.53 -4.16
C GLU B 134 -29.21 6.92 -3.49
N ILE B 135 -29.07 7.85 -2.56
CA ILE B 135 -30.23 8.32 -1.77
C ILE B 135 -30.71 9.66 -2.35
N GLU B 136 -32.05 9.76 -2.42
CA GLU B 136 -32.71 11.01 -2.90
C GLU B 136 -33.73 11.43 -1.85
N HIS B 137 -33.92 12.77 -1.86
CA HIS B 137 -34.83 13.41 -0.87
C HIS B 137 -35.42 14.65 -1.62
N PRO B 138 -36.64 14.98 -1.25
CA PRO B 138 -37.30 16.14 -1.93
C PRO B 138 -36.57 17.45 -1.73
N SER B 139 -35.85 17.68 -0.68
CA SER B 139 -35.12 18.95 -0.42
C SER B 139 -33.82 18.66 0.31
N PRO B 140 -32.87 18.14 -0.47
CA PRO B 140 -31.58 17.70 0.07
C PRO B 140 -30.80 18.75 0.80
N GLU B 141 -31.07 20.01 0.46
CA GLU B 141 -30.42 21.18 1.06
C GLU B 141 -30.76 21.32 2.53
N SER B 142 -31.88 20.72 2.93
CA SER B 142 -32.41 20.66 4.27
C SER B 142 -31.62 19.71 5.18
N ILE B 143 -30.86 18.80 4.56
CA ILE B 143 -30.09 17.80 5.33
C ILE B 143 -28.68 18.37 5.54
N GLU B 144 -28.36 18.55 6.79
CA GLU B 144 -27.06 19.16 7.15
C GLU B 144 -25.91 18.14 6.98
N MET B 145 -24.88 18.60 6.28
CA MET B 145 -23.68 17.76 6.14
C MET B 145 -22.36 18.47 5.88
N ASP B 146 -21.30 17.78 6.29
CA ASP B 146 -19.92 18.30 6.19
C ASP B 146 -18.87 17.42 5.56
N THR B 147 -19.25 16.25 5.14
CA THR B 147 -18.35 15.21 4.58
C THR B 147 -18.99 14.72 3.29
N PHE B 148 -18.21 14.65 2.25
CA PHE B 148 -18.68 14.33 0.90
C PHE B 148 -17.62 13.45 0.19
N LEU B 149 -18.14 12.73 -0.80
CA LEU B 149 -17.26 11.90 -1.65
C LEU B 149 -16.70 12.83 -2.76
N LYS B 150 -15.48 12.53 -3.08
CA LYS B 150 -14.77 13.27 -4.18
C LYS B 150 -14.31 12.18 -5.16
N PHE B 151 -15.33 11.65 -5.85
CA PHE B 151 -15.10 10.58 -6.84
C PHE B 151 -15.23 11.10 -8.28
N PRO B 152 -14.30 10.64 -9.11
CA PRO B 152 -14.28 10.97 -10.55
C PRO B 152 -15.21 9.97 -11.26
N LEU B 153 -16.50 10.20 -10.97
CA LEU B 153 -17.58 9.34 -11.48
C LEU B 153 -17.57 9.19 -12.97
N GLU B 154 -17.01 10.17 -13.66
CA GLU B 154 -16.83 10.14 -15.11
C GLU B 154 -15.90 9.01 -15.55
N SER B 155 -15.06 8.52 -14.65
CA SER B 155 -14.12 7.43 -14.91
C SER B 155 -14.69 6.08 -14.47
N TRP B 156 -15.96 6.08 -14.10
CA TRP B 156 -16.64 4.83 -13.66
C TRP B 156 -17.92 4.69 -14.50
N THR B 157 -18.43 3.50 -14.63
CA THR B 157 -19.64 3.19 -15.37
C THR B 157 -20.63 2.51 -14.40
N LYS B 158 -21.84 3.05 -14.41
CA LYS B 158 -22.88 2.39 -13.57
C LYS B 158 -23.39 1.17 -14.33
N GLN B 159 -23.32 0.00 -13.75
CA GLN B 159 -23.78 -1.26 -14.33
C GLN B 159 -25.28 -1.47 -14.17
N PRO B 160 -25.82 -2.35 -15.05
CA PRO B 160 -27.26 -2.68 -14.98
C PRO B 160 -27.47 -3.45 -13.66
N LYS B 161 -28.69 -3.43 -13.21
CA LYS B 161 -29.07 -4.15 -11.97
C LYS B 161 -28.66 -5.60 -12.00
N SER B 162 -28.74 -6.27 -13.17
CA SER B 162 -28.36 -7.68 -13.26
C SER B 162 -26.94 -7.96 -12.77
N GLU B 163 -26.04 -7.01 -13.01
CA GLU B 163 -24.63 -7.17 -12.58
C GLU B 163 -24.49 -7.03 -11.08
N LEU B 164 -25.33 -6.14 -10.53
CA LEU B 164 -25.33 -6.01 -9.04
C LEU B 164 -25.88 -7.30 -8.41
N GLN B 165 -26.96 -7.81 -9.04
CA GLN B 165 -27.59 -9.05 -8.55
C GLN B 165 -26.58 -10.21 -8.59
N LYS B 166 -25.76 -10.26 -9.60
CA LYS B 166 -24.73 -11.34 -9.61
C LYS B 166 -23.75 -11.18 -8.44
N PHE B 167 -23.41 -9.91 -8.22
CA PHE B 167 -22.41 -9.61 -7.13
C PHE B 167 -22.94 -10.04 -5.77
N VAL B 168 -24.19 -9.72 -5.47
CA VAL B 168 -24.79 -9.96 -4.16
C VAL B 168 -25.44 -11.32 -3.95
N GLY B 169 -25.49 -12.12 -5.00
CA GLY B 169 -26.05 -13.46 -4.91
C GLY B 169 -27.57 -13.41 -4.75
N ASP B 170 -27.94 -14.05 -3.63
CA ASP B 170 -29.35 -14.22 -3.25
C ASP B 170 -29.99 -13.04 -2.58
N THR B 171 -29.24 -12.00 -2.26
CA THR B 171 -29.79 -10.82 -1.57
C THR B 171 -30.91 -10.20 -2.42
N VAL B 172 -31.99 -9.83 -1.75
CA VAL B 172 -33.13 -9.20 -2.47
C VAL B 172 -32.83 -7.72 -2.68
N LEU B 173 -33.00 -7.31 -3.92
CA LEU B 173 -32.76 -5.90 -4.30
C LEU B 173 -34.05 -5.23 -4.73
N GLU B 174 -34.64 -4.49 -3.79
CA GLU B 174 -35.86 -3.72 -4.15
C GLU B 174 -35.49 -2.43 -4.78
N ASP B 175 -36.34 -1.92 -5.67
CA ASP B 175 -36.08 -0.63 -6.32
C ASP B 175 -36.85 0.47 -5.55
N ASP B 176 -36.31 1.67 -5.64
CA ASP B 176 -36.99 2.85 -5.12
C ASP B 176 -37.56 2.69 -3.75
N ILE B 177 -36.70 2.23 -2.83
CA ILE B 177 -37.07 1.97 -1.44
C ILE B 177 -37.39 3.30 -0.74
N LYS B 178 -38.55 3.31 -0.08
CA LYS B 178 -38.92 4.51 0.71
C LYS B 178 -38.76 4.24 2.18
N GLU B 179 -38.20 5.25 2.87
CA GLU B 179 -38.15 5.26 4.34
C GLU B 179 -38.32 6.72 4.75
N GLY B 180 -39.48 7.05 5.32
CA GLY B 180 -39.69 8.54 5.65
C GLY B 180 -39.70 9.30 4.31
N ASP B 181 -38.91 10.38 4.26
CA ASP B 181 -38.84 11.18 3.04
C ASP B 181 -37.72 10.78 2.06
N PHE B 182 -36.98 9.73 2.45
CA PHE B 182 -35.87 9.26 1.58
C PHE B 182 -36.39 8.16 0.61
N THR B 183 -35.78 8.18 -0.56
CA THR B 183 -36.03 7.15 -1.62
C THR B 183 -34.61 6.74 -2.07
N TYR B 184 -34.38 5.41 -2.10
CA TYR B 184 -33.00 5.01 -2.49
C TYR B 184 -32.94 3.73 -3.30
N ASN B 185 -31.76 3.62 -3.95
CA ASN B 185 -31.51 2.47 -4.82
C ASN B 185 -30.03 2.03 -4.62
N TYR B 186 -29.89 0.73 -4.77
CA TYR B 186 -28.48 0.16 -4.71
C TYR B 186 -27.91 0.10 -6.10
N THR B 187 -26.62 0.45 -6.26
CA THR B 187 -25.98 0.50 -7.56
C THR B 187 -24.56 -0.08 -7.51
N LEU B 188 -24.12 -0.55 -8.65
CA LEU B 188 -22.76 -1.11 -8.82
C LEU B 188 -22.07 -0.38 -9.98
N TRP B 189 -20.82 -0.04 -9.78
CA TRP B 189 -20.02 0.70 -10.82
C TRP B 189 -18.68 -0.05 -10.96
N THR B 190 -18.23 -0.02 -12.20
CA THR B 190 -16.87 -0.56 -12.51
C THR B 190 -16.13 0.51 -13.27
N ARG B 191 -14.83 0.30 -13.43
CA ARG B 191 -13.97 1.33 -14.07
C ARG B 191 -14.18 1.41 -15.57
N LYS B 192 -14.09 2.66 -16.08
CA LYS B 192 -14.21 2.85 -17.54
C LYS B 192 -12.79 2.53 -18.11
#